data_7NB5
#
_entry.id   7NB5
#
_cell.length_a   47.999
_cell.length_b   89.705
_cell.length_c   125.762
_cell.angle_alpha   90.00
_cell.angle_beta   90.00
_cell.angle_gamma   90.00
#
_symmetry.space_group_name_H-M   'I 2 2 2'
#
loop_
_entity.id
_entity.type
_entity.pdbx_description
1 polymer 'EstD11 S144A'
2 non-polymer '(4-nitrophenyl) (2~{S})-2-(6-methoxynaphthalen-2-yl)propanoate'
3 water water
#
_entity_poly.entity_id   1
_entity_poly.type   'polypeptide(L)'
_entity_poly.pdbx_seq_one_letter_code
;ASEALTMIVNLLRSQRPLQEPTVEQMRAGLEAMAQMSPLPADVELTTVDAGGVPGAWVRVPESDPDRVVLYLHGGGYVIG
SIRTHRDLAQRIARAARCRVLLIDYRLAPEHPHPAAVEDSTRAYRWLLETGSDPKRMAIAGDAAGGGLTVATLVALRDAG
VPLPAAAVCLSPWVDLEGIGESMTTKAAVDPMVQREPLLRMASMYLAGQDPRTPLAAPLYADLRGLPPLLIQVGTAETLL
DDSVRLAERARAAGVQVTLEPWEDMIHVWQAFAAMLPEGQQAIERIGEFLRQHWQ
;
_entity_poly.pdbx_strand_id   A
#
loop_
_chem_comp.id
_chem_comp.type
_chem_comp.name
_chem_comp.formula
U68 non-polymer '(4-nitrophenyl) (2~{S})-2-(6-methoxynaphthalen-2-yl)propanoate' 'C20 H19 N O5'
#
# COMPACT_ATOMS: atom_id res chain seq x y z
N ALA A 1 -5.23 22.62 6.19
CA ALA A 1 -5.21 21.28 6.83
C ALA A 1 -5.11 21.46 8.34
N SER A 2 -5.28 20.37 9.08
CA SER A 2 -5.25 20.39 10.53
C SER A 2 -3.88 20.82 11.07
N GLU A 3 -3.90 21.34 12.29
CA GLU A 3 -2.68 21.66 13.02
C GLU A 3 -1.86 20.40 13.23
N ALA A 4 -2.53 19.25 13.37
CA ALA A 4 -1.85 17.96 13.49
C ALA A 4 -0.93 17.66 12.30
N LEU A 5 -1.36 18.07 11.11
CA LEU A 5 -0.55 17.92 9.89
C LEU A 5 0.79 18.68 10.01
N THR A 6 0.72 19.95 10.42
CA THR A 6 1.90 20.81 10.48
C THR A 6 2.90 20.30 11.53
N MET A 7 2.36 19.76 12.61
CA MET A 7 3.11 19.14 13.69
C MET A 7 3.90 17.93 13.18
N ILE A 8 3.21 17.01 12.51
CA ILE A 8 3.85 15.79 11.99
C ILE A 8 4.93 16.12 10.96
N VAL A 9 4.65 17.10 10.09
CA VAL A 9 5.60 17.53 9.08
C VAL A 9 6.89 18.05 9.69
N ASN A 10 6.76 18.92 10.70
CA ASN A 10 7.92 19.52 11.33
C ASN A 10 8.72 18.51 12.13
N LEU A 11 8.03 17.51 12.69
CA LEU A 11 8.66 16.46 13.46
C LEU A 11 9.47 15.55 12.53
N LEU A 12 8.86 15.13 11.41
CA LEU A 12 9.53 14.36 10.36
C LEU A 12 10.74 15.12 9.80
N ARG A 13 10.52 16.37 9.39
CA ARG A 13 11.58 17.26 8.91
C ARG A 13 12.75 17.28 9.88
N SER A 14 12.45 17.46 11.17
CA SER A 14 13.48 17.62 12.18
C SER A 14 14.25 16.33 12.43
N GLN A 15 13.56 15.18 12.35
CA GLN A 15 14.17 13.87 12.66
C GLN A 15 14.74 13.12 11.45
N ARG A 16 14.63 13.69 10.25
CA ARG A 16 15.14 13.05 9.05
C ARG A 16 16.66 12.87 9.22
N PRO A 17 17.21 11.65 8.99
CA PRO A 17 18.65 11.43 9.10
C PRO A 17 19.43 12.42 8.25
N LEU A 18 20.59 12.87 8.75
CA LEU A 18 21.49 13.78 8.02
C LEU A 18 22.35 13.08 6.97
N GLN A 19 22.29 11.74 6.96
CA GLN A 19 22.93 10.92 5.95
C GLN A 19 22.12 9.68 5.70
N GLU A 20 22.32 9.09 4.53
CA GLU A 20 21.53 7.98 4.03
C GLU A 20 21.56 6.81 5.02
N PRO A 21 20.39 6.32 5.48
CA PRO A 21 20.34 5.18 6.39
C PRO A 21 20.52 3.86 5.65
N THR A 22 21.06 2.86 6.36
CA THR A 22 21.19 1.51 5.82
C THR A 22 19.80 0.87 5.87
N VAL A 23 19.68 -0.28 5.21
CA VAL A 23 18.48 -1.10 5.22
C VAL A 23 18.10 -1.52 6.65
N GLU A 24 19.12 -1.85 7.45
CA GLU A 24 18.97 -2.28 8.85
C GLU A 24 18.35 -1.17 9.70
N GLN A 25 18.78 0.07 9.44
CA GLN A 25 18.36 1.25 10.19
C GLN A 25 16.91 1.62 9.83
N MET A 26 16.66 1.86 8.54
CA MET A 26 15.30 2.05 8.01
C MET A 26 14.31 1.01 8.55
N ARG A 27 14.68 -0.27 8.49
CA ARG A 27 13.84 -1.33 9.05
C ARG A 27 13.52 -1.05 10.51
N ALA A 28 14.56 -0.88 11.33
CA ALA A 28 14.40 -0.69 12.78
C ALA A 28 13.82 0.67 13.16
N GLY A 29 14.08 1.69 12.33
CA GLY A 29 13.47 3.01 12.48
C GLY A 29 11.95 3.00 12.25
N LEU A 30 11.51 2.40 11.14
CA LEU A 30 10.09 2.28 10.86
C LEU A 30 9.38 1.48 11.94
N GLU A 31 10.05 0.42 12.43
CA GLU A 31 9.53 -0.46 13.46
C GLU A 31 9.30 0.31 14.76
N ALA A 32 10.18 1.29 15.02
CA ALA A 32 10.13 2.13 16.21
C ALA A 32 9.02 3.15 16.11
N MET A 33 9.05 3.94 15.02
CA MET A 33 7.99 4.87 14.70
C MET A 33 6.63 4.19 14.85
N ALA A 34 6.51 2.97 14.30
CA ALA A 34 5.27 2.22 14.29
C ALA A 34 4.73 1.98 15.72
N GLN A 35 5.64 1.78 16.66
CA GLN A 35 5.28 1.50 18.05
C GLN A 35 4.72 2.69 18.83
N MET A 36 4.78 3.88 18.23
CA MET A 36 4.14 5.08 18.80
C MET A 36 2.65 5.13 18.53
N SER A 37 2.16 4.29 17.62
CA SER A 37 0.73 4.17 17.37
C SER A 37 0.25 2.84 17.97
N PRO A 38 -0.19 2.83 19.24
CA PRO A 38 -0.57 1.58 19.91
C PRO A 38 -1.85 0.96 19.34
N LEU A 39 -1.98 -0.35 19.49
CA LEU A 39 -3.09 -1.13 18.96
C LEU A 39 -4.24 -1.14 19.96
N PRO A 40 -5.45 -0.65 19.59
CA PRO A 40 -6.59 -0.68 20.50
C PRO A 40 -6.90 -2.08 21.01
N ALA A 41 -7.53 -2.13 22.19
CA ALA A 41 -7.77 -3.35 22.96
C ALA A 41 -8.66 -4.37 22.25
N ASP A 42 -9.59 -3.89 21.41
CA ASP A 42 -10.54 -4.74 20.70
C ASP A 42 -10.03 -5.35 19.40
N VAL A 43 -8.81 -4.96 18.99
CA VAL A 43 -8.18 -5.54 17.81
C VAL A 43 -7.74 -6.97 18.08
N GLU A 44 -8.13 -7.89 17.18
CA GLU A 44 -7.74 -9.29 17.26
C GLU A 44 -6.80 -9.63 16.10
N LEU A 45 -5.58 -10.05 16.46
CA LEU A 45 -4.52 -10.42 15.55
C LEU A 45 -4.34 -11.93 15.64
N THR A 46 -4.41 -12.62 14.49
CA THR A 46 -4.23 -14.07 14.44
C THR A 46 -3.21 -14.43 13.37
N THR A 47 -2.03 -14.91 13.80
CA THR A 47 -0.96 -15.35 12.91
C THR A 47 -1.43 -16.56 12.11
N VAL A 48 -1.04 -16.63 10.84
CA VAL A 48 -1.49 -17.68 9.95
C VAL A 48 -0.45 -17.85 8.86
N ASP A 49 -0.37 -19.08 8.33
CA ASP A 49 0.46 -19.43 7.18
C ASP A 49 -0.40 -19.30 5.92
N ALA A 50 -0.22 -18.18 5.19
CA ALA A 50 -0.97 -17.91 3.97
C ALA A 50 -0.36 -18.59 2.73
N GLY A 51 -0.49 -19.91 2.68
CA GLY A 51 -0.01 -20.72 1.56
C GLY A 51 1.48 -20.69 1.37
N GLY A 52 2.23 -20.72 2.49
CA GLY A 52 3.67 -20.54 2.49
C GLY A 52 4.13 -19.09 2.55
N VAL A 53 3.17 -18.18 2.72
CA VAL A 53 3.45 -16.77 2.99
C VAL A 53 2.96 -16.48 4.40
N PRO A 54 3.85 -16.00 5.31
CA PRO A 54 3.44 -15.74 6.69
C PRO A 54 2.58 -14.47 6.76
N GLY A 55 1.54 -14.52 7.60
CA GLY A 55 0.61 -13.43 7.73
C GLY A 55 -0.16 -13.44 9.00
N ALA A 56 -1.03 -12.44 9.13
CA ALA A 56 -1.91 -12.27 10.27
C ALA A 56 -3.22 -11.70 9.80
N TRP A 57 -4.31 -12.35 10.23
CA TRP A 57 -5.63 -11.79 10.17
C TRP A 57 -5.68 -10.64 11.18
N VAL A 58 -6.35 -9.56 10.79
CA VAL A 58 -6.64 -8.44 11.66
C VAL A 58 -8.13 -8.28 11.60
N ARG A 59 -8.77 -8.38 12.77
CA ARG A 59 -10.21 -8.35 12.92
C ARG A 59 -10.52 -7.43 14.11
N VAL A 60 -11.67 -6.76 14.04
CA VAL A 60 -12.27 -6.05 15.17
C VAL A 60 -13.66 -6.67 15.38
N PRO A 61 -14.33 -6.43 16.53
CA PRO A 61 -15.67 -6.98 16.77
C PRO A 61 -16.69 -6.74 15.64
N GLU A 62 -16.61 -5.56 15.01
CA GLU A 62 -17.47 -5.17 13.88
C GLU A 62 -17.29 -6.05 12.62
N SER A 63 -16.06 -6.57 12.43
CA SER A 63 -15.68 -7.32 11.24
C SER A 63 -16.72 -8.35 10.82
N ASP A 64 -16.97 -8.42 9.51
CA ASP A 64 -17.73 -9.51 8.89
C ASP A 64 -16.69 -10.46 8.29
N PRO A 65 -16.60 -11.72 8.78
CA PRO A 65 -15.58 -12.66 8.30
C PRO A 65 -15.61 -12.93 6.79
N ASP A 66 -16.80 -12.85 6.19
CA ASP A 66 -17.03 -13.13 4.77
C ASP A 66 -16.45 -12.06 3.82
N ARG A 67 -16.06 -10.91 4.38
CA ARG A 67 -15.42 -9.83 3.62
C ARG A 67 -13.96 -9.78 4.01
N VAL A 68 -13.08 -9.76 3.01
CA VAL A 68 -11.64 -9.88 3.21
C VAL A 68 -10.89 -8.87 2.35
N VAL A 69 -9.95 -8.15 2.99
CA VAL A 69 -8.96 -7.35 2.28
C VAL A 69 -7.60 -8.03 2.43
N LEU A 70 -6.97 -8.33 1.30
CA LEU A 70 -5.56 -8.68 1.27
C LEU A 70 -4.82 -7.37 1.29
N TYR A 71 -4.05 -7.13 2.36
CA TYR A 71 -3.33 -5.87 2.52
C TYR A 71 -1.85 -6.07 2.32
N LEU A 72 -1.27 -5.21 1.48
CA LEU A 72 0.12 -5.31 1.06
C LEU A 72 0.85 -4.05 1.51
N HIS A 73 1.65 -4.19 2.58
CA HIS A 73 2.33 -3.06 3.22
C HIS A 73 3.38 -2.38 2.30
N GLY A 74 3.67 -1.11 2.60
CA GLY A 74 4.66 -0.36 1.87
C GLY A 74 6.00 -0.46 2.60
N GLY A 75 6.98 0.31 2.12
CA GLY A 75 8.34 0.29 2.63
C GLY A 75 9.38 -0.03 1.56
N GLY A 76 9.14 0.46 0.33
CA GLY A 76 10.06 0.41 -0.79
C GLY A 76 10.33 -0.97 -1.37
N TYR A 77 9.54 -1.97 -0.95
CA TYR A 77 9.85 -3.38 -1.19
C TYR A 77 11.07 -3.91 -0.38
N VAL A 78 11.60 -3.06 0.52
CA VAL A 78 12.81 -3.32 1.31
C VAL A 78 12.53 -3.39 2.82
N ILE A 79 11.58 -2.56 3.31
CA ILE A 79 11.24 -2.50 4.73
C ILE A 79 9.75 -2.71 4.96
N GLY A 80 9.35 -2.79 6.22
CA GLY A 80 7.97 -2.94 6.63
C GLY A 80 7.73 -4.35 7.11
N SER A 81 6.66 -4.53 7.89
CA SER A 81 6.29 -5.82 8.45
C SER A 81 4.84 -5.87 8.86
N ILE A 82 4.38 -7.04 9.30
CA ILE A 82 3.05 -7.19 9.88
C ILE A 82 2.87 -6.17 11.01
N ARG A 83 3.94 -5.96 11.79
CA ARG A 83 3.85 -5.05 12.93
C ARG A 83 3.90 -3.57 12.56
N THR A 84 4.49 -3.20 11.42
CA THR A 84 4.54 -1.78 11.06
C THR A 84 3.20 -1.29 10.55
N HIS A 85 2.42 -2.19 9.93
CA HIS A 85 1.19 -1.82 9.26
C HIS A 85 -0.09 -2.39 9.87
N ARG A 86 0.03 -3.04 11.03
CA ARG A 86 -1.15 -3.60 11.69
C ARG A 86 -2.14 -2.54 12.13
N ASP A 87 -1.66 -1.34 12.44
CA ASP A 87 -2.57 -0.26 12.87
C ASP A 87 -3.43 0.20 11.71
N LEU A 88 -2.79 0.46 10.57
CA LEU A 88 -3.47 0.83 9.33
C LEU A 88 -4.43 -0.27 8.94
N ALA A 89 -3.96 -1.53 8.98
CA ALA A 89 -4.82 -2.71 8.75
C ALA A 89 -6.11 -2.74 9.59
N GLN A 90 -6.00 -2.51 10.91
CA GLN A 90 -7.16 -2.56 11.83
C GLN A 90 -8.15 -1.41 11.61
N ARG A 91 -7.62 -0.23 11.26
CA ARG A 91 -8.46 0.92 10.91
C ARG A 91 -9.31 0.61 9.68
N ILE A 92 -8.71 -0.06 8.71
CA ILE A 92 -9.41 -0.45 7.50
C ILE A 92 -10.45 -1.54 7.81
N ALA A 93 -10.03 -2.56 8.57
CA ALA A 93 -10.92 -3.63 9.04
C ALA A 93 -12.12 -3.03 9.74
N ARG A 94 -11.85 -2.03 10.60
CA ARG A 94 -12.89 -1.29 11.29
C ARG A 94 -13.81 -0.56 10.30
N ALA A 95 -13.22 0.23 9.40
CA ALA A 95 -13.96 1.11 8.51
C ALA A 95 -14.77 0.35 7.46
N ALA A 96 -14.18 -0.72 6.91
CA ALA A 96 -14.83 -1.57 5.91
C ALA A 96 -15.62 -2.72 6.55
N ARG A 97 -15.60 -2.80 7.88
CA ARG A 97 -16.22 -3.87 8.65
C ARG A 97 -15.89 -5.24 8.04
N CYS A 98 -14.58 -5.49 7.88
CA CYS A 98 -14.06 -6.69 7.21
C CYS A 98 -12.92 -7.28 8.02
N ARG A 99 -12.43 -8.45 7.57
CA ARG A 99 -11.15 -9.01 7.98
C ARG A 99 -10.08 -8.58 6.98
N VAL A 100 -8.87 -8.35 7.50
CA VAL A 100 -7.75 -7.96 6.67
C VAL A 100 -6.65 -8.99 6.88
N LEU A 101 -6.13 -9.51 5.76
CA LEU A 101 -4.99 -10.39 5.80
C LEU A 101 -3.76 -9.55 5.47
N LEU A 102 -2.95 -9.31 6.51
CA LEU A 102 -1.69 -8.59 6.41
C LEU A 102 -0.58 -9.65 6.23
N ILE A 103 0.06 -9.66 5.06
CA ILE A 103 1.10 -10.66 4.81
C ILE A 103 2.50 -10.07 4.95
N ASP A 104 3.41 -10.90 5.46
CA ASP A 104 4.81 -10.53 5.56
C ASP A 104 5.46 -11.08 4.31
N TYR A 105 5.28 -10.37 3.19
CA TYR A 105 5.83 -10.78 1.92
C TYR A 105 7.35 -10.64 1.95
N ARG A 106 8.04 -11.44 1.14
CA ARG A 106 9.48 -11.39 1.03
C ARG A 106 9.96 -10.02 0.54
N LEU A 107 11.07 -9.53 1.12
CA LEU A 107 11.61 -8.19 0.93
C LEU A 107 12.99 -8.20 0.26
N ALA A 108 13.26 -7.15 -0.53
CA ALA A 108 14.58 -6.90 -1.12
C ALA A 108 15.48 -6.31 -0.03
N PRO A 109 16.83 -6.32 -0.14
CA PRO A 109 17.55 -6.96 -1.24
C PRO A 109 17.74 -8.47 -1.12
N GLU A 110 17.37 -9.04 0.03
CA GLU A 110 17.43 -10.48 0.32
C GLU A 110 16.63 -11.25 -0.74
N HIS A 111 15.41 -10.77 -0.99
CA HIS A 111 14.55 -11.41 -1.94
C HIS A 111 14.05 -10.39 -2.97
N PRO A 112 14.80 -10.18 -4.09
CA PRO A 112 14.40 -9.14 -5.06
C PRO A 112 13.15 -9.50 -5.86
N HIS A 113 12.66 -8.52 -6.61
CA HIS A 113 11.59 -8.73 -7.55
C HIS A 113 11.91 -9.98 -8.38
N PRO A 114 10.96 -10.91 -8.60
CA PRO A 114 9.55 -10.72 -8.29
C PRO A 114 9.06 -11.47 -7.05
N ALA A 115 9.92 -11.66 -6.04
CA ALA A 115 9.53 -12.45 -4.88
C ALA A 115 8.25 -11.92 -4.22
N ALA A 116 8.12 -10.59 -4.19
CA ALA A 116 6.98 -9.91 -3.55
C ALA A 116 5.64 -10.30 -4.24
N VAL A 117 5.63 -10.19 -5.58
CA VAL A 117 4.50 -10.56 -6.41
C VAL A 117 4.17 -12.05 -6.32
N GLU A 118 5.21 -12.89 -6.23
CA GLU A 118 5.01 -14.31 -6.06
C GLU A 118 4.22 -14.55 -4.77
N ASP A 119 4.55 -13.80 -3.71
CA ASP A 119 3.95 -14.01 -2.39
C ASP A 119 2.52 -13.50 -2.32
N SER A 120 2.30 -12.34 -2.92
CA SER A 120 0.97 -11.69 -2.90
C SER A 120 -0.06 -12.49 -3.69
N THR A 121 0.32 -12.95 -4.88
CA THR A 121 -0.55 -13.82 -5.69
C THR A 121 -0.81 -15.15 -4.99
N ARG A 122 0.21 -15.70 -4.33
CA ARG A 122 0.07 -16.95 -3.61
C ARG A 122 -0.92 -16.80 -2.47
N ALA A 123 -0.75 -15.71 -1.70
CA ALA A 123 -1.65 -15.40 -0.60
C ALA A 123 -3.08 -15.24 -1.11
N TYR A 124 -3.23 -14.55 -2.24
CA TYR A 124 -4.54 -14.37 -2.86
C TYR A 124 -5.18 -15.71 -3.27
N ARG A 125 -4.39 -16.55 -3.96
N ARG A 125 -4.41 -16.56 -3.94
CA ARG A 125 -4.81 -17.90 -4.36
CA ARG A 125 -4.86 -17.89 -4.34
C ARG A 125 -5.20 -18.74 -3.13
C ARG A 125 -5.20 -18.76 -3.13
N TRP A 126 -4.44 -18.61 -2.05
CA TRP A 126 -4.72 -19.29 -0.79
C TRP A 126 -6.08 -18.87 -0.21
N LEU A 127 -6.40 -17.58 -0.32
CA LEU A 127 -7.69 -17.05 0.12
C LEU A 127 -8.87 -17.74 -0.59
N LEU A 128 -8.74 -17.95 -1.90
CA LEU A 128 -9.76 -18.64 -2.69
C LEU A 128 -9.85 -20.10 -2.26
N GLU A 129 -8.67 -20.73 -2.12
CA GLU A 129 -8.55 -22.12 -1.69
C GLU A 129 -9.24 -22.39 -0.36
N THR A 130 -9.19 -21.42 0.56
CA THR A 130 -9.80 -21.55 1.89
C THR A 130 -11.27 -21.12 1.98
N GLY A 131 -11.83 -20.68 0.83
CA GLY A 131 -13.25 -20.42 0.68
C GLY A 131 -13.73 -18.97 0.58
N SER A 132 -12.80 -18.02 0.40
CA SER A 132 -13.17 -16.61 0.21
C SER A 132 -13.69 -16.39 -1.21
N ASP A 133 -14.75 -15.59 -1.33
CA ASP A 133 -15.40 -15.26 -2.61
C ASP A 133 -14.85 -13.93 -3.13
N PRO A 134 -14.32 -13.86 -4.37
CA PRO A 134 -13.76 -12.60 -4.89
C PRO A 134 -14.71 -11.42 -4.84
N LYS A 135 -16.01 -11.70 -5.03
CA LYS A 135 -17.09 -10.71 -4.91
C LYS A 135 -17.07 -9.98 -3.56
N ARG A 136 -16.54 -10.65 -2.52
CA ARG A 136 -16.40 -10.07 -1.19
C ARG A 136 -14.93 -9.88 -0.80
N MET A 137 -14.08 -9.65 -1.81
CA MET A 137 -12.64 -9.45 -1.60
C MET A 137 -12.13 -8.17 -2.21
N ALA A 138 -10.95 -7.76 -1.75
CA ALA A 138 -10.25 -6.61 -2.27
C ALA A 138 -8.79 -6.80 -1.97
N ILE A 139 -7.96 -6.09 -2.74
CA ILE A 139 -6.53 -6.00 -2.50
C ILE A 139 -6.30 -4.55 -2.26
N ALA A 140 -5.52 -4.23 -1.22
CA ALA A 140 -5.17 -2.84 -0.91
C ALA A 140 -3.75 -2.78 -0.42
N GLY A 141 -3.13 -1.60 -0.57
CA GLY A 141 -1.79 -1.39 -0.10
C GLY A 141 -1.30 0.02 -0.29
N ASP A 142 -0.23 0.37 0.44
CA ASP A 142 0.30 1.72 0.49
C ASP A 142 1.66 1.77 -0.18
N ALA A 143 1.85 2.80 -1.01
CA ALA A 143 3.09 3.05 -1.68
C ALA A 143 3.63 1.81 -2.41
N ALA A 144 4.80 1.29 -2.02
CA ALA A 144 5.32 0.08 -2.65
C ALA A 144 4.25 -0.99 -2.71
N GLY A 145 3.51 -1.14 -1.60
CA GLY A 145 2.36 -2.01 -1.48
C GLY A 145 1.18 -1.63 -2.37
N GLY A 146 1.08 -0.34 -2.71
CA GLY A 146 0.11 0.18 -3.66
C GLY A 146 0.46 -0.21 -5.07
N GLY A 147 1.76 -0.12 -5.41
CA GLY A 147 2.30 -0.69 -6.64
C GLY A 147 2.15 -2.20 -6.71
N LEU A 148 2.47 -2.86 -5.60
CA LEU A 148 2.35 -4.31 -5.52
C LEU A 148 0.88 -4.76 -5.75
N THR A 149 -0.09 -3.96 -5.29
CA THR A 149 -1.53 -4.22 -5.48
C THR A 149 -1.92 -4.30 -6.95
N VAL A 150 -1.46 -3.31 -7.73
CA VAL A 150 -1.66 -3.28 -9.17
C VAL A 150 -0.99 -4.44 -9.87
N ALA A 151 0.30 -4.66 -9.57
CA ALA A 151 1.04 -5.78 -10.09
C ALA A 151 0.36 -7.13 -9.82
N THR A 152 -0.17 -7.29 -8.59
CA THR A 152 -0.81 -8.53 -8.18
C THR A 152 -2.09 -8.79 -9.01
N LEU A 153 -2.86 -7.73 -9.26
CA LEU A 153 -4.05 -7.82 -10.07
C LEU A 153 -3.73 -8.24 -11.49
N VAL A 154 -2.70 -7.63 -12.07
CA VAL A 154 -2.24 -7.91 -13.43
C VAL A 154 -1.81 -9.37 -13.53
N ALA A 155 -0.91 -9.78 -12.62
CA ALA A 155 -0.43 -11.16 -12.54
C ALA A 155 -1.55 -12.20 -12.39
N LEU A 156 -2.50 -11.92 -11.50
CA LEU A 156 -3.59 -12.84 -11.28
C LEU A 156 -4.44 -12.96 -12.57
N ARG A 157 -4.70 -11.80 -13.19
CA ARG A 157 -5.51 -11.74 -14.39
C ARG A 157 -4.87 -12.56 -15.51
N ASP A 158 -3.56 -12.38 -15.69
CA ASP A 158 -2.80 -13.05 -16.73
C ASP A 158 -2.71 -14.53 -16.48
N ALA A 159 -2.86 -14.94 -15.22
CA ALA A 159 -2.92 -16.33 -14.82
C ALA A 159 -4.31 -16.96 -14.89
N GLY A 160 -5.29 -16.17 -15.34
CA GLY A 160 -6.68 -16.61 -15.43
C GLY A 160 -7.39 -16.77 -14.09
N VAL A 161 -6.87 -16.10 -13.04
CA VAL A 161 -7.45 -16.18 -11.70
C VAL A 161 -8.55 -15.13 -11.52
N PRO A 162 -9.73 -15.49 -10.95
CA PRO A 162 -10.79 -14.51 -10.70
C PRO A 162 -10.32 -13.35 -9.84
N LEU A 163 -10.50 -12.14 -10.37
CA LEU A 163 -10.11 -10.92 -9.73
C LEU A 163 -11.11 -10.52 -8.65
N PRO A 164 -10.71 -9.67 -7.68
CA PRO A 164 -11.59 -9.28 -6.59
C PRO A 164 -12.55 -8.18 -7.01
N ALA A 165 -13.46 -7.84 -6.08
CA ALA A 165 -14.49 -6.83 -6.28
C ALA A 165 -13.94 -5.44 -6.52
N ALA A 166 -12.80 -5.13 -5.90
CA ALA A 166 -12.23 -3.79 -5.89
C ALA A 166 -10.81 -3.81 -5.39
N ALA A 167 -10.14 -2.67 -5.52
CA ALA A 167 -8.78 -2.53 -5.04
C ALA A 167 -8.51 -1.11 -4.67
N VAL A 168 -7.54 -0.94 -3.75
CA VAL A 168 -7.25 0.36 -3.16
C VAL A 168 -5.75 0.57 -3.07
N CYS A 169 -5.30 1.74 -3.56
CA CYS A 169 -3.90 2.12 -3.54
C CYS A 169 -3.75 3.45 -2.79
N LEU A 170 -2.90 3.45 -1.76
CA LEU A 170 -2.61 4.62 -0.95
C LEU A 170 -1.22 5.13 -1.30
N SER A 171 -1.13 6.32 -1.90
CA SER A 171 0.15 6.89 -2.30
C SER A 171 1.02 5.87 -3.02
N PRO A 172 0.49 5.18 -4.04
CA PRO A 172 1.23 4.09 -4.69
C PRO A 172 2.50 4.53 -5.41
N TRP A 173 3.47 3.61 -5.41
CA TRP A 173 4.73 3.77 -6.09
C TRP A 173 4.72 2.80 -7.26
N VAL A 174 4.76 3.36 -8.47
CA VAL A 174 4.62 2.60 -9.69
C VAL A 174 5.61 3.00 -10.77
N ASP A 175 6.35 4.10 -10.56
CA ASP A 175 7.45 4.53 -11.43
C ASP A 175 8.77 4.40 -10.69
N LEU A 176 9.52 3.34 -11.00
CA LEU A 176 10.78 3.02 -10.33
C LEU A 176 11.97 3.85 -10.82
N GLU A 177 11.74 4.77 -11.78
CA GLU A 177 12.75 5.71 -12.25
C GLU A 177 12.53 7.13 -11.70
N GLY A 178 11.40 7.37 -11.02
CA GLY A 178 11.08 8.70 -10.48
C GLY A 178 11.24 9.85 -11.48
N ILE A 179 10.50 9.77 -12.59
CA ILE A 179 10.53 10.79 -13.64
C ILE A 179 9.24 11.61 -13.71
N GLY A 180 8.33 11.37 -12.76
CA GLY A 180 7.15 12.19 -12.58
C GLY A 180 7.55 13.60 -12.20
N GLU A 181 6.73 14.58 -12.61
CA GLU A 181 6.99 16.01 -12.36
C GLU A 181 7.10 16.37 -10.88
N SER A 182 6.17 15.84 -10.08
CA SER A 182 6.12 16.09 -8.63
C SER A 182 7.32 15.56 -7.84
N MET A 183 8.15 14.75 -8.51
CA MET A 183 9.42 14.29 -7.94
C MET A 183 10.43 15.43 -7.95
N THR A 184 10.29 16.35 -8.92
CA THR A 184 11.13 17.53 -9.03
C THR A 184 10.48 18.77 -8.36
N THR A 185 9.18 19.00 -8.63
CA THR A 185 8.48 20.20 -8.17
C THR A 185 7.96 20.15 -6.73
N LYS A 186 7.41 19.01 -6.33
CA LYS A 186 6.86 18.83 -4.98
C LYS A 186 7.92 18.33 -3.97
N ALA A 187 9.14 18.08 -4.47
CA ALA A 187 10.27 17.65 -3.65
C ALA A 187 10.62 18.73 -2.63
N ALA A 188 10.44 18.38 -1.34
CA ALA A 188 10.71 19.25 -0.18
C ALA A 188 9.47 19.39 0.68
N VAL A 189 8.31 19.54 0.03
CA VAL A 189 7.03 19.67 0.71
C VAL A 189 6.61 18.33 1.32
N ASP A 190 7.19 17.24 0.79
CA ASP A 190 7.04 15.90 1.35
C ASP A 190 8.23 15.67 2.29
N PRO A 191 7.99 15.48 3.62
CA PRO A 191 9.11 15.25 4.54
C PRO A 191 9.79 13.90 4.29
N MET A 192 9.01 12.89 3.92
CA MET A 192 9.50 11.60 3.46
C MET A 192 9.67 11.66 1.94
N VAL A 193 10.05 10.51 1.36
CA VAL A 193 10.18 10.26 -0.08
C VAL A 193 10.93 11.35 -0.85
N GLN A 194 12.24 11.12 -1.04
CA GLN A 194 13.02 11.88 -1.99
C GLN A 194 13.47 10.91 -3.06
N ARG A 195 13.77 11.45 -4.24
CA ARG A 195 14.22 10.72 -5.41
C ARG A 195 15.39 9.76 -5.10
N GLU A 196 16.46 10.29 -4.52
CA GLU A 196 17.67 9.51 -4.25
C GLU A 196 17.40 8.25 -3.42
N PRO A 197 16.79 8.34 -2.22
CA PRO A 197 16.39 7.15 -1.47
C PRO A 197 15.43 6.23 -2.22
N LEU A 198 14.55 6.84 -3.01
CA LEU A 198 13.58 6.07 -3.76
C LEU A 198 14.27 5.15 -4.76
N LEU A 199 15.15 5.74 -5.59
CA LEU A 199 15.88 5.02 -6.62
C LEU A 199 16.81 3.95 -6.05
N ARG A 200 17.34 4.19 -4.85
CA ARG A 200 18.20 3.22 -4.15
C ARG A 200 17.39 1.95 -3.84
N MET A 201 16.19 2.12 -3.31
CA MET A 201 15.29 0.99 -3.06
C MET A 201 14.81 0.31 -4.33
N ALA A 202 14.67 1.08 -5.42
CA ALA A 202 14.32 0.54 -6.72
C ALA A 202 15.43 -0.42 -7.12
N SER A 203 16.67 0.06 -6.96
CA SER A 203 17.86 -0.70 -7.31
C SER A 203 17.87 -2.05 -6.59
N MET A 204 17.63 -2.02 -5.28
CA MET A 204 17.59 -3.23 -4.47
C MET A 204 16.50 -4.23 -4.89
N TYR A 205 15.30 -3.72 -5.18
CA TYR A 205 14.16 -4.54 -5.58
C TYR A 205 14.37 -5.17 -6.95
N LEU A 206 14.90 -4.35 -7.88
CA LEU A 206 15.16 -4.77 -9.25
C LEU A 206 16.32 -5.78 -9.37
N ALA A 207 17.41 -5.53 -8.66
CA ALA A 207 18.59 -6.36 -8.72
C ALA A 207 18.99 -6.59 -10.19
N GLY A 208 19.13 -5.48 -10.92
CA GLY A 208 19.56 -5.51 -12.31
C GLY A 208 18.48 -5.51 -13.38
N GLN A 209 17.24 -5.88 -13.00
CA GLN A 209 16.14 -5.95 -13.97
C GLN A 209 15.77 -4.57 -14.48
N ASP A 210 15.25 -4.52 -15.72
CA ASP A 210 14.79 -3.30 -16.37
C ASP A 210 13.87 -2.58 -15.39
N PRO A 211 14.07 -1.27 -15.11
CA PRO A 211 13.20 -0.56 -14.17
C PRO A 211 11.75 -0.29 -14.69
N ARG A 212 11.43 -0.76 -15.90
CA ARG A 212 10.08 -0.73 -16.44
C ARG A 212 9.48 -2.13 -16.60
N THR A 213 10.15 -3.13 -16.03
CA THR A 213 9.57 -4.44 -15.82
C THR A 213 8.15 -4.23 -15.31
N PRO A 214 7.12 -4.62 -16.10
CA PRO A 214 5.73 -4.29 -15.81
C PRO A 214 5.24 -4.67 -14.41
N LEU A 215 5.59 -5.88 -13.94
CA LEU A 215 5.13 -6.32 -12.62
C LEU A 215 5.91 -5.68 -11.48
N ALA A 216 7.05 -5.06 -11.82
CA ALA A 216 7.81 -4.26 -10.84
C ALA A 216 7.37 -2.78 -10.85
N ALA A 217 7.11 -2.23 -12.05
CA ALA A 217 6.73 -0.82 -12.26
C ALA A 217 5.44 -0.77 -13.06
N PRO A 218 4.27 -1.00 -12.39
CA PRO A 218 3.00 -1.20 -13.09
C PRO A 218 2.46 -0.01 -13.87
N LEU A 219 3.15 1.13 -13.82
CA LEU A 219 2.91 2.19 -14.80
C LEU A 219 3.08 1.68 -16.25
N TYR A 220 3.85 0.62 -16.44
CA TYR A 220 4.11 0.04 -17.76
C TYR A 220 3.39 -1.31 -17.96
N ALA A 221 2.47 -1.63 -17.05
CA ALA A 221 1.72 -2.88 -17.10
C ALA A 221 0.46 -2.70 -17.93
N ASP A 222 -0.13 -3.81 -18.40
CA ASP A 222 -1.39 -3.75 -19.14
C ASP A 222 -2.46 -3.79 -18.06
N LEU A 223 -3.26 -2.72 -17.94
CA LEU A 223 -4.24 -2.60 -16.85
C LEU A 223 -5.70 -2.98 -17.23
N ARG A 224 -5.92 -3.46 -18.46
CA ARG A 224 -7.28 -3.79 -18.89
C ARG A 224 -7.86 -4.94 -18.06
N GLY A 225 -9.14 -4.81 -17.67
CA GLY A 225 -9.84 -5.83 -16.91
C GLY A 225 -9.77 -5.68 -15.39
N LEU A 226 -9.01 -4.70 -14.91
CA LEU A 226 -8.84 -4.51 -13.48
C LEU A 226 -10.15 -4.06 -12.87
N PRO A 227 -10.45 -4.43 -11.60
CA PRO A 227 -11.69 -4.03 -10.95
C PRO A 227 -11.66 -2.56 -10.54
N PRO A 228 -12.79 -2.03 -10.03
CA PRO A 228 -12.80 -0.63 -9.56
C PRO A 228 -11.63 -0.34 -8.60
N LEU A 229 -10.94 0.75 -8.90
CA LEU A 229 -9.71 1.16 -8.24
C LEU A 229 -9.93 2.53 -7.54
N LEU A 230 -9.72 2.58 -6.22
CA LEU A 230 -9.61 3.81 -5.46
C LEU A 230 -8.15 4.11 -5.25
N ILE A 231 -7.70 5.29 -5.72
CA ILE A 231 -6.37 5.80 -5.45
C ILE A 231 -6.46 7.05 -4.60
N GLN A 232 -5.89 7.00 -3.40
CA GLN A 232 -5.79 8.15 -2.50
C GLN A 232 -4.34 8.59 -2.52
N VAL A 233 -4.13 9.88 -2.72
CA VAL A 233 -2.80 10.47 -2.80
C VAL A 233 -2.89 11.87 -2.19
N GLY A 234 -1.78 12.33 -1.59
CA GLY A 234 -1.66 13.66 -1.01
C GLY A 234 -1.01 14.57 -2.05
N THR A 235 -1.42 15.84 -2.05
CA THR A 235 -0.96 16.79 -3.07
C THR A 235 0.39 17.43 -2.70
N ALA A 236 0.92 17.11 -1.51
CA ALA A 236 2.25 17.54 -1.07
C ALA A 236 3.28 16.42 -1.20
N GLU A 237 2.95 15.39 -1.97
CA GLU A 237 3.77 14.19 -2.15
C GLU A 237 4.62 14.30 -3.39
N THR A 238 5.84 13.76 -3.31
CA THR A 238 6.71 13.63 -4.48
C THR A 238 6.19 12.54 -5.42
N LEU A 239 5.42 11.61 -4.86
CA LEU A 239 4.78 10.52 -5.62
C LEU A 239 3.37 10.85 -6.14
N LEU A 240 3.00 12.14 -6.12
CA LEU A 240 1.68 12.54 -6.59
C LEU A 240 1.45 12.01 -8.01
N ASP A 241 2.41 12.29 -8.90
CA ASP A 241 2.24 11.98 -10.31
C ASP A 241 2.32 10.49 -10.59
N ASP A 242 2.81 9.70 -9.62
CA ASP A 242 2.66 8.24 -9.68
C ASP A 242 1.15 7.89 -9.72
N SER A 243 0.37 8.58 -8.87
CA SER A 243 -1.08 8.38 -8.78
C SER A 243 -1.81 8.97 -9.98
N VAL A 244 -1.34 10.14 -10.44
CA VAL A 244 -1.96 10.83 -11.56
C VAL A 244 -1.77 9.97 -12.80
N ARG A 245 -0.51 9.54 -13.04
CA ARG A 245 -0.19 8.69 -14.19
C ARG A 245 -0.88 7.31 -14.15
N LEU A 246 -1.02 6.74 -12.94
CA LEU A 246 -1.71 5.47 -12.73
C LEU A 246 -3.19 5.60 -13.09
N ALA A 247 -3.82 6.66 -12.60
CA ALA A 247 -5.22 6.93 -12.89
C ALA A 247 -5.43 7.10 -14.40
N GLU A 248 -4.63 7.97 -15.01
CA GLU A 248 -4.65 8.16 -16.47
C GLU A 248 -4.60 6.80 -17.20
N ARG A 249 -3.56 6.02 -16.91
CA ARG A 249 -3.34 4.75 -17.57
C ARG A 249 -4.48 3.73 -17.34
N ALA A 250 -4.95 3.64 -16.10
CA ALA A 250 -6.00 2.70 -15.74
C ALA A 250 -7.32 3.05 -16.43
N ARG A 251 -7.66 4.34 -16.45
CA ARG A 251 -8.89 4.80 -17.06
C ARG A 251 -8.86 4.63 -18.58
N ALA A 252 -7.69 4.85 -19.21
CA ALA A 252 -7.56 4.61 -20.64
C ALA A 252 -7.74 3.13 -20.96
N ALA A 253 -7.43 2.24 -20.00
CA ALA A 253 -7.63 0.79 -20.13
C ALA A 253 -9.03 0.31 -19.69
N GLY A 254 -9.94 1.26 -19.44
CA GLY A 254 -11.35 0.99 -19.16
C GLY A 254 -11.61 0.61 -17.71
N VAL A 255 -10.65 0.89 -16.83
CA VAL A 255 -10.83 0.62 -15.41
C VAL A 255 -11.63 1.76 -14.81
N GLN A 256 -12.58 1.41 -13.93
CA GLN A 256 -13.31 2.40 -13.16
C GLN A 256 -12.42 2.91 -12.03
N VAL A 257 -11.68 3.99 -12.30
CA VAL A 257 -10.76 4.57 -11.36
C VAL A 257 -11.35 5.74 -10.64
N THR A 258 -11.15 5.80 -9.32
CA THR A 258 -11.41 7.01 -8.53
C THR A 258 -10.09 7.54 -7.96
N LEU A 259 -9.63 8.67 -8.50
CA LEU A 259 -8.46 9.38 -8.01
C LEU A 259 -8.90 10.42 -6.99
N GLU A 260 -8.44 10.28 -5.74
CA GLU A 260 -8.78 11.17 -4.64
C GLU A 260 -7.53 11.93 -4.20
N PRO A 261 -7.29 13.17 -4.71
CA PRO A 261 -6.17 13.98 -4.24
C PRO A 261 -6.54 14.80 -3.02
N TRP A 262 -5.96 14.44 -1.86
CA TRP A 262 -6.18 15.12 -0.60
C TRP A 262 -5.21 16.28 -0.44
N GLU A 263 -5.77 17.50 -0.40
CA GLU A 263 -5.01 18.72 -0.40
C GLU A 263 -4.06 18.75 0.79
N ASP A 264 -2.79 19.06 0.50
CA ASP A 264 -1.72 19.22 1.48
C ASP A 264 -1.29 17.95 2.20
N MET A 265 -1.91 16.80 1.90
CA MET A 265 -1.54 15.56 2.56
C MET A 265 -0.20 15.06 2.10
N ILE A 266 0.47 14.36 3.02
CA ILE A 266 1.81 13.87 2.87
C ILE A 266 1.72 12.36 2.68
N HIS A 267 2.88 11.79 2.33
CA HIS A 267 2.96 10.40 1.98
C HIS A 267 2.31 9.47 3.03
N VAL A 268 1.38 8.62 2.56
CA VAL A 268 0.66 7.65 3.37
C VAL A 268 0.23 8.26 4.70
N TRP A 269 -0.39 9.45 4.61
CA TRP A 269 -0.87 10.20 5.76
C TRP A 269 -1.85 9.39 6.65
N GLN A 270 -2.48 8.37 6.06
CA GLN A 270 -3.41 7.48 6.73
C GLN A 270 -2.75 6.70 7.89
N ALA A 271 -1.44 6.42 7.73
CA ALA A 271 -0.62 5.78 8.77
C ALA A 271 -0.57 6.57 10.07
N PHE A 272 -0.82 7.89 9.96
CA PHE A 272 -0.86 8.80 11.12
C PHE A 272 -2.27 9.09 11.68
N ALA A 273 -3.26 8.28 11.28
CA ALA A 273 -4.67 8.51 11.62
C ALA A 273 -4.95 8.63 13.12
N ALA A 274 -4.13 7.96 13.93
CA ALA A 274 -4.22 8.03 15.39
C ALA A 274 -4.26 9.49 15.87
N MET A 275 -3.47 10.37 15.24
CA MET A 275 -3.44 11.79 15.60
C MET A 275 -3.81 12.79 14.48
N LEU A 276 -3.84 12.31 13.23
CA LEU A 276 -4.14 13.15 12.07
C LEU A 276 -5.59 12.95 11.63
N PRO A 277 -6.46 13.98 11.77
CA PRO A 277 -7.87 13.86 11.37
C PRO A 277 -8.08 13.37 9.94
N GLU A 278 -7.43 14.03 8.98
CA GLU A 278 -7.51 13.68 7.56
C GLU A 278 -7.12 12.22 7.30
N GLY A 279 -6.17 11.72 8.09
CA GLY A 279 -5.78 10.33 8.08
C GLY A 279 -6.98 9.43 8.33
N GLN A 280 -7.71 9.73 9.41
CA GLN A 280 -8.88 8.93 9.77
C GLN A 280 -10.04 9.13 8.77
N GLN A 281 -10.20 10.37 8.28
CA GLN A 281 -11.21 10.69 7.26
C GLN A 281 -10.93 9.87 5.99
N ALA A 282 -9.66 9.79 5.58
CA ALA A 282 -9.31 9.06 4.38
C ALA A 282 -9.62 7.57 4.52
N ILE A 283 -9.36 7.02 5.70
CA ILE A 283 -9.60 5.59 5.94
C ILE A 283 -11.10 5.28 5.96
N GLU A 284 -11.90 6.19 6.53
CA GLU A 284 -13.36 6.06 6.54
C GLU A 284 -13.88 5.99 5.11
N ARG A 285 -13.27 6.78 4.23
CA ARG A 285 -13.56 6.74 2.82
C ARG A 285 -13.18 5.37 2.20
N ILE A 286 -12.03 4.83 2.60
CA ILE A 286 -11.61 3.51 2.09
C ILE A 286 -12.69 2.49 2.39
N GLY A 287 -13.16 2.48 3.64
CA GLY A 287 -14.22 1.57 4.07
C GLY A 287 -15.52 1.75 3.31
N GLU A 288 -15.84 3.01 3.01
CA GLU A 288 -17.06 3.37 2.30
C GLU A 288 -16.98 2.82 0.86
N PHE A 289 -15.84 3.08 0.20
CA PHE A 289 -15.56 2.61 -1.14
C PHE A 289 -15.66 1.10 -1.21
N LEU A 290 -15.02 0.41 -0.26
CA LEU A 290 -15.04 -1.04 -0.26
C LEU A 290 -16.44 -1.61 -0.07
N ARG A 291 -17.18 -1.05 0.89
CA ARG A 291 -18.53 -1.55 1.19
C ARG A 291 -19.51 -1.34 0.05
N GLN A 292 -19.26 -0.28 -0.75
CA GLN A 292 -20.04 0.00 -1.96
C GLN A 292 -19.87 -1.14 -2.96
N HIS A 293 -18.61 -1.55 -3.18
CA HIS A 293 -18.30 -2.59 -4.17
C HIS A 293 -18.51 -4.04 -3.72
N TRP A 294 -18.83 -4.25 -2.43
CA TRP A 294 -19.08 -5.60 -1.91
C TRP A 294 -20.53 -6.06 -1.95
N GLN A 295 -21.48 -5.12 -1.77
CA GLN A 295 -22.90 -5.45 -1.85
C GLN A 295 -23.15 -6.39 -3.02
C1 U68 B . 3.24 4.51 11.06
C2 U68 B . 3.35 3.19 10.71
C3 U68 B . 3.92 2.82 9.51
C4 U68 B . 4.39 3.78 8.62
C5 U68 B . 4.28 5.14 8.96
C6 U68 B . 3.70 5.49 10.18
C7 U68 B . 4.97 3.41 7.42
C8 U68 B . 5.43 4.34 6.51
C10 U68 B . 7.17 4.85 4.81
C11 U68 B . 5.33 5.69 6.85
C12 U68 B . 2.90 6.02 12.89
O2 U68 B . 2.62 4.78 12.30
C01 U68 B . 6.11 4.09 1.94
N01 U68 B . 8.95 3.80 -1.16
O4 U68 B . 8.60 3.98 -2.27
C02 U68 B . 6.14 2.99 1.12
O5 U68 B . 10.08 3.55 -0.92
C03 U68 B . 7.06 2.88 0.10
C04 U68 B . 7.98 3.90 -0.10
C05 U68 B . 7.98 5.01 0.71
C06 U68 B . 7.04 5.10 1.72
C13 U68 B . 4.75 6.10 8.07
C14 U68 B . 6.13 3.81 5.24
C15 U68 B . 5.24 3.37 4.09
O1 U68 B . 4.69 2.32 4.16
O3 U68 B . 5.13 4.19 2.95
#